data_8E6N
#
_entry.id   8E6N
#
_cell.length_a   105.758
_cell.length_b   80.389
_cell.length_c   51.754
_cell.angle_alpha   90.000
_cell.angle_beta   94.720
_cell.angle_gamma   90.000
#
_symmetry.space_group_name_H-M   'C 1 2 1'
#
loop_
_entity.id
_entity.type
_entity.pdbx_description
1 polymer 'Divalent metal cation transporter MntH'
2 non-polymer 'MANGANESE (II) ION'
3 non-polymer '(2R)-2,3-dihydroxypropyl (9Z)-octadec-9-enoate'
4 non-polymer DI(HYDROXYETHYL)ETHER
5 non-polymer SPERMIDINE
6 water water
#
_entity_poly.entity_id   1
_entity_poly.type   'polypeptide(L)'
_entity_poly.pdbx_seq_one_letter_code
;MHHHHHHHHRGVRRILPFLGPAVIASIAYMDPGNFATNIEGGARYGYSLLWVILAANLMAMVIQNLSANLGIASGRNLPE
LIRERWPRPLVWFYWIQAELVAMATDLAEFLGAALAIQLLTGLPMFWGAVVTGVVTFWLLNLQKRGTRPLELAVGAFVLM
IGVAYLVQVVLARPDLAAVGAGFVPRLQGPGSAYLAVWIIGATVMPHVIYLHSALTQGRIQTDTTEEKRRLVRLNRVDVI
AAMGLAGLINMSMLAVAAATFHGKNVENAGDLTTAYQTLTPLLGPAASVLFAVALLASGLSSSAVGTMAGDVIMQGFMGF
HIPLWLRRLITMLPAFIVILLGMDPSSVLILSQVILCFGVPFALVPLLLFTARRDVMGALVTRRSFTVIGWVIAVIIIAL
NGYLLWELLGG
;
_entity_poly.pdbx_strand_id   A
#
# COMPACT_ATOMS: atom_id res chain seq x y z
N ARG A 14 19.34 -18.43 -5.93
CA ARG A 14 18.34 -17.71 -6.72
C ARG A 14 17.12 -18.59 -6.99
N ILE A 15 16.55 -19.16 -5.94
CA ILE A 15 15.36 -19.98 -6.09
C ILE A 15 14.14 -19.11 -6.41
N LEU A 16 13.98 -18.01 -5.66
CA LEU A 16 12.89 -17.07 -5.89
C LEU A 16 13.45 -15.81 -6.53
N PRO A 17 13.41 -15.66 -7.85
CA PRO A 17 14.10 -14.52 -8.47
C PRO A 17 13.42 -13.19 -8.21
N PHE A 18 12.09 -13.13 -8.32
CA PHE A 18 11.35 -11.89 -8.19
C PHE A 18 10.68 -11.73 -6.83
N LEU A 19 11.16 -12.45 -5.81
CA LEU A 19 10.62 -12.27 -4.47
C LEU A 19 10.90 -10.87 -3.94
N GLY A 20 12.07 -10.33 -4.26
CA GLY A 20 12.46 -9.00 -3.86
C GLY A 20 11.45 -7.94 -4.29
N PRO A 21 11.25 -7.79 -5.60
CA PRO A 21 10.25 -6.82 -6.08
C PRO A 21 8.85 -7.08 -5.54
N ALA A 22 8.51 -8.33 -5.24
CA ALA A 22 7.19 -8.63 -4.71
C ALA A 22 7.03 -8.14 -3.28
N VAL A 23 8.04 -8.38 -2.44
CA VAL A 23 7.99 -7.86 -1.07
C VAL A 23 8.06 -6.35 -1.06
N ILE A 24 8.79 -5.76 -2.01
CA ILE A 24 8.86 -4.30 -2.10
C ILE A 24 7.49 -3.72 -2.43
N ALA A 25 6.72 -4.41 -3.27
CA ALA A 25 5.41 -3.91 -3.67
C ALA A 25 4.34 -4.21 -2.63
N SER A 26 4.54 -5.24 -1.80
CA SER A 26 3.50 -5.63 -0.85
C SER A 26 3.44 -4.69 0.35
N ILE A 27 4.55 -4.02 0.68
CA ILE A 27 4.58 -3.21 1.88
C ILE A 27 3.63 -2.02 1.78
N ALA A 28 3.33 -1.57 0.55
CA ALA A 28 2.44 -0.43 0.38
C ALA A 28 0.99 -0.75 0.73
N TYR A 29 0.66 -2.03 0.93
CA TYR A 29 -0.69 -2.43 1.28
C TYR A 29 -0.83 -2.81 2.75
N MET A 30 0.23 -2.65 3.53
CA MET A 30 0.17 -2.75 4.99
C MET A 30 0.55 -1.42 5.65
N ASP A 31 0.51 -0.32 4.89
CA ASP A 31 0.92 0.96 5.42
C ASP A 31 0.00 1.38 6.57
N PRO A 32 0.44 2.33 7.40
CA PRO A 32 -0.38 2.75 8.55
C PRO A 32 -1.77 3.25 8.18
N GLY A 33 -2.02 3.56 6.91
CA GLY A 33 -3.39 3.87 6.50
C GLY A 33 -4.34 2.72 6.74
N ASN A 34 -3.88 1.49 6.52
CA ASN A 34 -4.72 0.32 6.74
C ASN A 34 -4.89 0.03 8.23
N PHE A 35 -3.91 0.40 9.05
CA PHE A 35 -4.02 0.19 10.50
C PHE A 35 -5.23 0.93 11.06
N ALA A 36 -5.39 2.20 10.69
CA ALA A 36 -6.48 3.01 11.24
C ALA A 36 -7.84 2.49 10.77
N THR A 37 -7.91 2.00 9.53
CA THR A 37 -9.19 1.51 9.02
C THR A 37 -9.58 0.17 9.65
N ASN A 38 -8.62 -0.75 9.75
CA ASN A 38 -8.93 -2.08 10.26
C ASN A 38 -9.29 -2.03 11.75
N ILE A 39 -8.64 -1.15 12.51
CA ILE A 39 -8.96 -1.06 13.94
C ILE A 39 -10.34 -0.47 14.15
N GLU A 40 -10.70 0.55 13.37
CA GLU A 40 -12.01 1.18 13.52
C GLU A 40 -13.13 0.21 13.17
N GLY A 41 -12.92 -0.62 12.14
CA GLY A 41 -13.94 -1.57 11.75
C GLY A 41 -14.19 -2.65 12.80
N GLY A 42 -13.15 -3.01 13.54
CA GLY A 42 -13.28 -4.05 14.55
C GLY A 42 -14.00 -3.60 15.81
N ALA A 43 -13.70 -2.39 16.27
CA ALA A 43 -14.29 -1.93 17.53
C ALA A 43 -15.77 -1.59 17.35
N ARG A 44 -16.14 -1.02 16.20
CA ARG A 44 -17.50 -0.56 15.99
C ARG A 44 -18.45 -1.64 15.52
N TYR A 45 -17.96 -2.62 14.75
CA TYR A 45 -18.85 -3.63 14.17
C TYR A 45 -18.33 -5.05 14.40
N GLY A 46 -17.43 -5.23 15.36
CA GLY A 46 -16.94 -6.58 15.64
C GLY A 46 -16.13 -7.12 14.47
N TYR A 47 -16.28 -8.43 14.24
CA TYR A 47 -15.59 -9.10 13.14
C TYR A 47 -16.34 -9.00 11.82
N SER A 48 -17.49 -8.33 11.79
CA SER A 48 -18.40 -8.39 10.65
C SER A 48 -17.86 -7.71 9.40
N LEU A 49 -16.62 -7.21 9.40
CA LEU A 49 -16.04 -6.58 8.22
C LEU A 49 -14.85 -7.37 7.66
N LEU A 50 -14.59 -8.57 8.19
CA LEU A 50 -13.45 -9.36 7.71
C LEU A 50 -13.56 -9.68 6.24
N TRP A 51 -14.79 -9.81 5.72
CA TRP A 51 -14.96 -10.13 4.30
C TRP A 51 -14.56 -8.97 3.40
N VAL A 52 -14.64 -7.73 3.90
CA VAL A 52 -14.26 -6.58 3.08
C VAL A 52 -12.75 -6.48 2.97
N ILE A 53 -12.03 -6.77 4.06
CA ILE A 53 -10.56 -6.77 4.01
C ILE A 53 -10.06 -7.81 3.01
N LEU A 54 -10.67 -9.00 3.03
CA LEU A 54 -10.24 -10.06 2.11
C LEU A 54 -10.52 -9.69 0.66
N ALA A 55 -11.67 -9.10 0.39
CA ALA A 55 -12.04 -8.77 -0.99
C ALA A 55 -11.10 -7.73 -1.58
N ALA A 56 -10.67 -6.76 -0.77
CA ALA A 56 -9.78 -5.72 -1.27
C ALA A 56 -8.39 -6.26 -1.53
N ASN A 57 -7.92 -7.20 -0.70
CA ASN A 57 -6.57 -7.73 -0.87
C ASN A 57 -6.46 -8.55 -2.14
N LEU A 58 -7.49 -9.33 -2.47
CA LEU A 58 -7.43 -10.15 -3.68
C LEU A 58 -7.39 -9.29 -4.94
N MET A 59 -8.16 -8.19 -4.94
CA MET A 59 -8.15 -7.30 -6.11
C MET A 59 -6.79 -6.62 -6.27
N ALA A 60 -6.07 -6.40 -5.19
CA ALA A 60 -4.75 -5.78 -5.26
C ALA A 60 -3.68 -6.75 -5.76
N MET A 61 -3.93 -8.05 -5.69
CA MET A 61 -2.96 -9.02 -6.20
C MET A 61 -2.94 -9.03 -7.72
N VAL A 62 -4.11 -8.89 -8.35
CA VAL A 62 -4.19 -8.91 -9.80
C VAL A 62 -3.49 -7.70 -10.40
N ILE A 63 -3.74 -6.51 -9.83
CA ILE A 63 -3.20 -5.29 -10.39
C ILE A 63 -1.67 -5.27 -10.28
N GLN A 64 -1.15 -5.70 -9.13
CA GLN A 64 0.30 -5.69 -8.95
C GLN A 64 0.98 -6.74 -9.83
N ASN A 65 0.30 -7.85 -10.12
CA ASN A 65 0.88 -8.85 -11.00
C ASN A 65 0.98 -8.35 -12.44
N LEU A 66 0.05 -7.50 -12.86
CA LEU A 66 0.07 -7.00 -14.24
C LEU A 66 1.18 -5.98 -14.45
N SER A 67 1.59 -5.27 -13.40
CA SER A 67 2.70 -4.33 -13.52
C SER A 67 4.02 -5.08 -13.72
N ALA A 68 4.27 -6.10 -12.89
CA ALA A 68 5.51 -6.87 -13.00
C ALA A 68 5.64 -7.51 -14.38
N ASN A 69 4.54 -8.00 -14.94
CA ASN A 69 4.59 -8.62 -16.26
C ASN A 69 4.92 -7.61 -17.35
N LEU A 70 4.47 -6.36 -17.19
CA LEU A 70 4.77 -5.34 -18.19
C LEU A 70 6.28 -5.11 -18.31
N GLY A 71 7.00 -5.18 -17.18
CA GLY A 71 8.44 -4.99 -17.24
C GLY A 71 9.18 -6.20 -17.80
N ILE A 72 8.72 -7.41 -17.44
CA ILE A 72 9.41 -8.62 -17.88
C ILE A 72 9.27 -8.81 -19.38
N ALA A 73 8.08 -8.55 -19.93
CA ALA A 73 7.83 -8.81 -21.34
C ALA A 73 8.44 -7.72 -22.22
N SER A 74 8.01 -6.48 -22.04
CA SER A 74 8.44 -5.40 -22.94
C SER A 74 9.88 -4.98 -22.70
N GLY A 75 10.46 -5.35 -21.56
CA GLY A 75 11.78 -4.82 -21.22
C GLY A 75 11.77 -3.36 -20.88
N ARG A 76 10.59 -2.79 -20.60
CA ARG A 76 10.44 -1.37 -20.30
C ARG A 76 9.35 -1.22 -19.25
N ASN A 77 9.47 -0.15 -18.46
CA ASN A 77 8.49 0.12 -17.41
C ASN A 77 7.33 0.96 -17.95
N LEU A 78 6.31 1.11 -17.11
CA LEU A 78 5.10 1.79 -17.56
C LEU A 78 5.33 3.25 -17.91
N PRO A 79 5.98 4.07 -17.06
CA PRO A 79 6.21 5.47 -17.47
C PRO A 79 7.01 5.62 -18.75
N GLU A 80 7.92 4.68 -19.04
CA GLU A 80 8.70 4.75 -20.27
C GLU A 80 7.80 4.61 -21.50
N LEU A 81 6.89 3.64 -21.45
CA LEU A 81 6.04 3.37 -22.62
C LEU A 81 5.07 4.50 -22.88
N ILE A 82 4.65 5.22 -21.85
CA ILE A 82 3.77 6.37 -22.05
C ILE A 82 4.52 7.49 -22.76
N ARG A 83 5.77 7.74 -22.35
CA ARG A 83 6.58 8.76 -23.01
C ARG A 83 6.81 8.41 -24.48
N GLU A 84 7.00 7.13 -24.78
CA GLU A 84 7.35 6.70 -26.13
C GLU A 84 6.14 6.71 -27.07
N ARG A 85 4.95 6.40 -26.57
CA ARG A 85 3.78 6.20 -27.42
C ARG A 85 2.75 7.32 -27.34
N TRP A 86 2.58 7.96 -26.18
CA TRP A 86 1.54 8.96 -26.07
C TRP A 86 2.10 10.35 -26.35
N PRO A 87 1.25 11.29 -26.80
CA PRO A 87 1.76 12.62 -27.17
C PRO A 87 2.41 13.34 -25.99
N ARG A 88 3.38 14.18 -26.32
CA ARG A 88 4.08 14.95 -25.30
C ARG A 88 3.17 15.76 -24.38
N PRO A 89 2.14 16.46 -24.88
CA PRO A 89 1.23 17.16 -23.94
C PRO A 89 0.60 16.23 -22.92
N LEU A 90 0.25 15.01 -23.31
CA LEU A 90 -0.37 14.06 -22.39
C LEU A 90 0.67 13.46 -21.45
N VAL A 91 1.90 13.26 -21.92
CA VAL A 91 2.94 12.68 -21.08
C VAL A 91 3.30 13.61 -19.94
N TRP A 92 3.41 14.92 -20.22
CA TRP A 92 3.74 15.88 -19.17
C TRP A 92 2.70 15.89 -18.07
N PHE A 93 1.42 15.75 -18.44
CA PHE A 93 0.36 15.70 -17.44
C PHE A 93 0.46 14.44 -16.58
N TYR A 94 0.83 13.31 -17.20
CA TYR A 94 0.90 12.06 -16.45
C TYR A 94 2.00 12.10 -15.40
N TRP A 95 3.14 12.69 -15.74
CA TRP A 95 4.20 12.85 -14.76
C TRP A 95 3.75 13.73 -13.60
N ILE A 96 2.96 14.77 -13.89
CA ILE A 96 2.55 15.71 -12.85
C ILE A 96 1.65 15.03 -11.82
N GLN A 97 0.57 14.39 -12.28
CA GLN A 97 -0.37 13.78 -11.35
C GLN A 97 0.26 12.60 -10.62
N ALA A 98 1.19 11.88 -11.26
CA ALA A 98 1.83 10.75 -10.60
C ALA A 98 2.71 11.18 -9.45
N GLU A 99 3.31 12.36 -9.54
CA GLU A 99 4.11 12.87 -8.42
C GLU A 99 3.22 13.31 -7.27
N LEU A 100 2.06 13.90 -7.57
CA LEU A 100 1.15 14.36 -6.52
C LEU A 100 0.57 13.17 -5.74
N VAL A 101 0.30 12.07 -6.43
CA VAL A 101 -0.24 10.89 -5.75
C VAL A 101 0.83 10.24 -4.89
N ALA A 102 2.06 10.16 -5.40
CA ALA A 102 3.16 9.61 -4.61
C ALA A 102 3.41 10.41 -3.34
N MET A 103 3.19 11.73 -3.40
CA MET A 103 3.31 12.55 -2.21
C MET A 103 2.10 12.42 -1.29
N ALA A 104 0.93 12.11 -1.85
CA ALA A 104 -0.25 11.95 -1.02
C ALA A 104 -0.21 10.65 -0.24
N THR A 105 0.16 9.55 -0.88
CA THR A 105 0.21 8.27 -0.20
C THR A 105 1.37 8.19 0.80
N ASP A 106 2.46 8.91 0.54
CA ASP A 106 3.58 8.91 1.46
C ASP A 106 3.28 9.67 2.74
N LEU A 107 2.29 10.57 2.72
CA LEU A 107 1.95 11.35 3.90
C LEU A 107 1.45 10.43 5.02
N ALA A 108 0.54 9.52 4.70
CA ALA A 108 0.02 8.60 5.72
C ALA A 108 1.08 7.59 6.15
N GLU A 109 1.94 7.16 5.23
CA GLU A 109 3.03 6.26 5.60
C GLU A 109 4.05 6.96 6.48
N PHE A 110 4.24 8.26 6.29
CA PHE A 110 5.21 9.02 7.09
C PHE A 110 4.66 9.32 8.47
N LEU A 111 3.42 9.82 8.55
CA LEU A 111 2.82 10.16 9.83
C LEU A 111 2.63 8.94 10.71
N GLY A 112 2.35 7.78 10.10
CA GLY A 112 2.20 6.56 10.88
C GLY A 112 3.52 6.12 11.51
N ALA A 113 4.62 6.25 10.77
CA ALA A 113 5.91 5.89 11.31
C ALA A 113 6.33 6.83 12.44
N ALA A 114 5.85 8.07 12.41
CA ALA A 114 6.15 9.01 13.49
C ALA A 114 5.24 8.79 14.70
N LEU A 115 4.01 8.33 14.48
CA LEU A 115 3.11 8.07 15.59
C LEU A 115 3.56 6.86 16.40
N ALA A 116 4.08 5.84 15.74
CA ALA A 116 4.54 4.64 16.45
C ALA A 116 5.67 4.97 17.40
N ILE A 117 6.59 5.86 16.99
CA ILE A 117 7.67 6.27 17.87
C ILE A 117 7.14 6.99 19.09
N GLN A 118 6.05 7.75 18.93
CA GLN A 118 5.44 8.45 20.05
C GLN A 118 4.85 7.46 21.06
N LEU A 119 4.29 6.35 20.57
CA LEU A 119 3.70 5.37 21.48
C LEU A 119 4.78 4.55 22.19
N LEU A 120 5.94 4.37 21.58
CA LEU A 120 7.02 3.59 22.17
C LEU A 120 7.91 4.40 23.08
N THR A 121 8.15 5.67 22.76
CA THR A 121 9.08 6.50 23.50
C THR A 121 8.46 7.73 24.15
N GLY A 122 7.39 8.26 23.59
CA GLY A 122 6.77 9.47 24.10
C GLY A 122 7.20 10.75 23.42
N LEU A 123 7.99 10.67 22.35
CA LEU A 123 8.46 11.86 21.67
C LEU A 123 7.30 12.54 20.94
N PRO A 124 7.39 13.86 20.75
CA PRO A 124 6.37 14.56 19.96
C PRO A 124 6.39 14.09 18.51
N MET A 125 5.33 14.48 17.78
CA MET A 125 5.20 14.04 16.39
C MET A 125 6.30 14.62 15.50
N PHE A 126 6.82 15.80 15.84
CA PHE A 126 7.85 16.41 15.00
C PHE A 126 9.13 15.59 15.03
N TRP A 127 9.67 15.36 16.22
CA TRP A 127 10.91 14.59 16.32
C TRP A 127 10.73 13.16 15.84
N GLY A 128 9.52 12.62 15.98
CA GLY A 128 9.24 11.32 15.39
C GLY A 128 9.36 11.34 13.88
N ALA A 129 8.97 12.46 13.26
CA ALA A 129 9.05 12.57 11.81
C ALA A 129 10.50 12.71 11.34
N VAL A 130 11.36 13.36 12.14
CA VAL A 130 12.75 13.50 11.77
C VAL A 130 13.46 12.16 11.82
N VAL A 131 13.13 11.33 12.82
CA VAL A 131 13.72 10.00 12.92
C VAL A 131 13.35 9.17 11.70
N THR A 132 12.08 9.22 11.29
CA THR A 132 11.66 8.46 10.11
C THR A 132 12.24 9.02 8.83
N GLY A 133 12.43 10.35 8.76
CA GLY A 133 13.02 10.94 7.57
C GLY A 133 14.45 10.50 7.36
N VAL A 134 15.22 10.34 8.45
CA VAL A 134 16.62 9.97 8.33
C VAL A 134 16.78 8.48 8.01
N VAL A 135 15.98 7.63 8.65
CA VAL A 135 16.11 6.19 8.42
C VAL A 135 15.65 5.84 7.00
N THR A 136 14.70 6.60 6.45
CA THR A 136 14.27 6.33 5.08
C THR A 136 15.34 6.74 4.08
N PHE A 137 16.23 7.67 4.45
CA PHE A 137 17.41 7.94 3.63
C PHE A 137 18.25 6.68 3.47
N TRP A 138 18.55 6.01 4.59
CA TRP A 138 19.46 4.88 4.56
C TRP A 138 18.86 3.68 3.83
N LEU A 139 17.53 3.57 3.80
CA LEU A 139 16.90 2.47 3.10
C LEU A 139 17.06 2.63 1.59
N LEU A 140 16.76 3.82 1.06
CA LEU A 140 17.01 4.08 -0.35
C LEU A 140 18.50 4.23 -0.65
N ASN A 141 19.33 4.46 0.37
CA ASN A 141 20.77 4.44 0.17
C ASN A 141 21.25 3.06 -0.25
N LEU A 142 20.56 2.01 0.18
CA LEU A 142 20.92 0.65 -0.23
C LEU A 142 20.75 0.47 -1.73
N GLN A 143 19.59 0.82 -2.25
CA GLN A 143 19.26 0.58 -3.66
C GLN A 143 20.04 1.47 -4.62
N LYS A 144 20.88 2.38 -4.12
CA LYS A 144 21.67 3.23 -5.00
C LYS A 144 22.68 2.42 -5.79
N ARG A 145 23.57 1.71 -5.08
CA ARG A 145 24.56 0.86 -5.72
C ARG A 145 24.03 -0.54 -6.02
N GLY A 146 23.27 -1.13 -5.10
CA GLY A 146 22.70 -2.44 -5.32
C GLY A 146 21.24 -2.55 -4.90
N THR A 147 20.39 -3.03 -5.81
CA THR A 147 18.96 -3.11 -5.54
C THR A 147 18.58 -4.30 -4.68
N ARG A 148 19.50 -5.25 -4.46
CA ARG A 148 19.21 -6.44 -3.65
C ARG A 148 19.24 -6.16 -2.15
N PRO A 149 20.18 -5.36 -1.63
CA PRO A 149 20.12 -5.02 -0.19
C PRO A 149 18.80 -4.40 0.24
N LEU A 150 18.13 -3.64 -0.62
CA LEU A 150 16.83 -3.09 -0.25
C LEU A 150 15.77 -4.19 -0.18
N GLU A 151 15.86 -5.19 -1.05
CA GLU A 151 14.90 -6.29 -1.01
C GLU A 151 15.04 -7.13 0.25
N LEU A 152 16.26 -7.24 0.79
CA LEU A 152 16.44 -7.95 2.05
C LEU A 152 15.95 -7.14 3.24
N ALA A 153 16.09 -5.82 3.18
CA ALA A 153 15.66 -4.97 4.29
C ALA A 153 14.14 -4.97 4.43
N VAL A 154 13.43 -4.72 3.33
CA VAL A 154 11.97 -4.72 3.36
C VAL A 154 11.44 -6.07 3.83
N GLY A 155 12.07 -7.16 3.38
CA GLY A 155 11.65 -8.48 3.83
C GLY A 155 11.78 -8.65 5.33
N ALA A 156 12.84 -8.07 5.92
CA ALA A 156 13.03 -8.19 7.36
C ALA A 156 11.95 -7.43 8.13
N PHE A 157 11.52 -6.28 7.62
CA PHE A 157 10.44 -5.54 8.27
C PHE A 157 9.12 -6.29 8.18
N VAL A 158 8.89 -7.00 7.07
CA VAL A 158 7.67 -7.77 6.94
C VAL A 158 7.65 -8.93 7.92
N LEU A 159 8.82 -9.43 8.32
CA LEU A 159 8.88 -10.51 9.31
C LEU A 159 8.42 -10.04 10.68
N MET A 160 8.68 -8.78 11.03
CA MET A 160 8.35 -8.29 12.37
C MET A 160 6.87 -7.99 12.52
N ILE A 161 6.25 -7.37 11.51
CA ILE A 161 4.83 -7.05 11.56
C ILE A 161 3.99 -8.32 11.63
N GLY A 162 4.39 -9.36 10.88
CA GLY A 162 3.66 -10.61 10.93
C GLY A 162 3.76 -11.32 12.27
N VAL A 163 4.97 -11.31 12.86
CA VAL A 163 5.16 -11.97 14.15
C VAL A 163 4.49 -11.19 15.27
N ALA A 164 4.51 -9.86 15.18
CA ALA A 164 3.94 -9.03 16.24
C ALA A 164 2.43 -9.24 16.36
N TYR A 165 1.73 -9.24 15.23
CA TYR A 165 0.28 -9.44 15.26
C TYR A 165 -0.11 -10.89 15.48
N LEU A 166 0.82 -11.83 15.31
CA LEU A 166 0.53 -13.22 15.64
C LEU A 166 0.36 -13.40 17.15
N VAL A 167 1.23 -12.76 17.94
CA VAL A 167 1.12 -12.88 19.39
C VAL A 167 -0.11 -12.16 19.90
N GLN A 168 -0.51 -11.05 19.26
CA GLN A 168 -1.70 -10.32 19.69
C GLN A 168 -2.96 -11.16 19.52
N VAL A 169 -2.99 -12.04 18.52
CA VAL A 169 -4.15 -12.91 18.35
C VAL A 169 -4.19 -13.95 19.45
N VAL A 170 -3.03 -14.47 19.86
CA VAL A 170 -2.99 -15.44 20.96
C VAL A 170 -3.41 -14.79 22.27
N LEU A 171 -3.03 -13.53 22.47
CA LEU A 171 -3.39 -12.84 23.71
C LEU A 171 -4.85 -12.41 23.72
N ALA A 172 -5.37 -11.95 22.58
CA ALA A 172 -6.74 -11.46 22.53
C ALA A 172 -7.77 -12.56 22.75
N ARG A 173 -7.41 -13.81 22.45
CA ARG A 173 -8.30 -14.97 22.58
C ARG A 173 -9.64 -14.71 21.92
N PRO A 174 -9.69 -14.56 20.60
CA PRO A 174 -10.97 -14.27 19.95
C PRO A 174 -11.85 -15.51 19.86
N ASP A 175 -13.15 -15.27 19.98
CA ASP A 175 -14.14 -16.35 19.80
C ASP A 175 -14.14 -16.77 18.34
N LEU A 176 -13.68 -18.00 18.08
CA LEU A 176 -13.59 -18.47 16.70
C LEU A 176 -14.94 -18.49 16.01
N ALA A 177 -16.01 -18.80 16.75
CA ALA A 177 -17.35 -18.77 16.17
C ALA A 177 -17.77 -17.35 15.80
N ALA A 178 -17.32 -16.35 16.57
CA ALA A 178 -17.61 -14.97 16.23
C ALA A 178 -16.71 -14.47 15.10
N VAL A 179 -15.47 -14.95 15.04
CA VAL A 179 -14.58 -14.59 13.93
C VAL A 179 -15.11 -15.18 12.62
N GLY A 180 -15.58 -16.43 12.67
CA GLY A 180 -16.11 -17.06 11.47
C GLY A 180 -17.32 -16.33 10.91
N ALA A 181 -18.23 -15.90 11.79
CA ALA A 181 -19.42 -15.18 11.35
C ALA A 181 -19.07 -13.86 10.69
N GLY A 182 -17.88 -13.33 10.93
CA GLY A 182 -17.48 -12.07 10.32
C GLY A 182 -17.13 -12.14 8.85
N PHE A 183 -16.91 -13.34 8.32
CA PHE A 183 -16.62 -13.52 6.91
C PHE A 183 -17.86 -13.64 6.05
N VAL A 184 -19.05 -13.54 6.65
CA VAL A 184 -20.30 -13.57 5.90
C VAL A 184 -20.61 -12.15 5.44
N PRO A 185 -20.66 -11.88 4.14
CA PRO A 185 -20.92 -10.50 3.67
C PRO A 185 -22.28 -9.97 4.07
N ARG A 186 -22.42 -9.52 5.32
CA ARG A 186 -23.65 -8.92 5.82
C ARG A 186 -23.32 -7.59 6.47
N LEU A 187 -24.12 -6.57 6.18
CA LEU A 187 -23.93 -5.24 6.72
C LEU A 187 -25.26 -4.71 7.24
N GLN A 188 -25.20 -3.96 8.34
CA GLN A 188 -26.37 -3.35 8.95
C GLN A 188 -26.04 -1.90 9.31
N GLY A 189 -27.03 -1.03 9.13
CA GLY A 189 -26.85 0.38 9.42
C GLY A 189 -26.01 1.09 8.39
N PRO A 190 -26.30 2.38 8.16
CA PRO A 190 -25.53 3.14 7.17
C PRO A 190 -24.07 3.32 7.54
N GLY A 191 -23.71 3.19 8.82
CA GLY A 191 -22.33 3.37 9.21
C GLY A 191 -21.43 2.25 8.73
N SER A 192 -21.88 1.00 8.89
CA SER A 192 -21.07 -0.14 8.48
C SER A 192 -20.91 -0.20 6.97
N ALA A 193 -21.95 0.17 6.23
CA ALA A 193 -21.86 0.17 4.78
C ALA A 193 -20.85 1.19 4.29
N TYR A 194 -20.86 2.40 4.88
CA TYR A 194 -19.89 3.42 4.48
C TYR A 194 -18.46 2.96 4.73
N LEU A 195 -18.23 2.29 5.86
CA LEU A 195 -16.87 1.86 6.19
C LEU A 195 -16.39 0.75 5.24
N ALA A 196 -17.30 -0.09 4.76
CA ALA A 196 -16.91 -1.13 3.81
C ALA A 196 -16.53 -0.51 2.46
N VAL A 197 -17.33 0.45 2.00
CA VAL A 197 -17.03 1.12 0.74
C VAL A 197 -15.69 1.84 0.82
N TRP A 198 -15.36 2.38 1.99
CA TRP A 198 -14.10 3.09 2.15
C TRP A 198 -12.90 2.15 2.05
N ILE A 199 -13.09 0.87 2.37
CA ILE A 199 -12.00 -0.10 2.29
C ILE A 199 -11.70 -0.42 0.83
N ILE A 200 -12.73 -0.82 0.08
CA ILE A 200 -12.53 -1.22 -1.31
C ILE A 200 -12.12 -0.03 -2.17
N GLY A 201 -12.62 1.17 -1.86
CA GLY A 201 -12.24 2.34 -2.65
C GLY A 201 -10.80 2.74 -2.45
N ALA A 202 -10.30 2.65 -1.22
CA ALA A 202 -8.95 3.07 -0.87
C ALA A 202 -8.14 1.83 -0.47
N THR A 203 -7.63 1.13 -1.47
CA THR A 203 -6.80 -0.04 -1.21
C THR A 203 -5.62 -0.10 -2.19
N VAL A 204 -5.91 -0.01 -3.48
CA VAL A 204 -4.85 -0.11 -4.49
C VAL A 204 -3.95 1.11 -4.43
N MET A 205 -2.65 0.88 -4.59
CA MET A 205 -1.65 1.94 -4.47
C MET A 205 -1.12 2.30 -5.86
N PRO A 206 -1.45 3.48 -6.39
CA PRO A 206 -1.01 3.81 -7.76
C PRO A 206 0.49 3.95 -7.90
N HIS A 207 1.18 4.49 -6.89
CA HIS A 207 2.62 4.71 -7.03
C HIS A 207 3.39 3.41 -7.18
N VAL A 208 2.93 2.34 -6.51
CA VAL A 208 3.60 1.05 -6.62
C VAL A 208 3.19 0.27 -7.87
N ILE A 209 2.24 0.80 -8.64
CA ILE A 209 1.91 0.21 -9.93
C ILE A 209 3.03 0.48 -10.93
N TYR A 210 3.49 1.74 -10.99
CA TYR A 210 4.59 2.08 -11.88
C TYR A 210 5.90 1.44 -11.43
N LEU A 211 6.11 1.33 -10.12
CA LEU A 211 7.41 0.89 -9.62
C LEU A 211 7.64 -0.59 -9.87
N HIS A 212 6.60 -1.42 -9.68
CA HIS A 212 6.77 -2.86 -9.83
C HIS A 212 7.21 -3.24 -11.24
N SER A 213 6.78 -2.49 -12.25
CA SER A 213 7.17 -2.80 -13.62
C SER A 213 8.67 -2.59 -13.82
N ALA A 214 9.22 -1.51 -13.26
CA ALA A 214 10.63 -1.22 -13.44
C ALA A 214 11.52 -2.17 -12.63
N LEU A 215 11.06 -2.61 -11.47
CA LEU A 215 11.86 -3.51 -10.65
C LEU A 215 12.11 -4.83 -11.37
N THR A 216 11.14 -5.30 -12.13
CA THR A 216 11.27 -6.53 -12.89
C THR A 216 11.79 -6.30 -14.31
N GLN A 217 11.86 -5.04 -14.74
CA GLN A 217 12.36 -4.72 -16.08
C GLN A 217 13.86 -4.96 -16.14
N GLY A 218 14.29 -5.86 -17.03
CA GLY A 218 15.70 -6.12 -17.21
C GLY A 218 16.41 -6.76 -16.04
N ARG A 219 15.67 -7.31 -15.08
CA ARG A 219 16.31 -7.92 -13.92
C ARG A 219 17.15 -9.13 -14.31
N ILE A 220 16.74 -9.87 -15.34
CA ILE A 220 17.50 -11.00 -15.86
C ILE A 220 17.66 -10.79 -17.36
N GLN A 221 18.91 -10.68 -17.81
CA GLN A 221 19.19 -10.46 -19.21
C GLN A 221 18.70 -11.63 -20.05
N THR A 222 18.04 -11.32 -21.16
CA THR A 222 17.42 -12.33 -22.00
C THR A 222 17.62 -11.98 -23.47
N ASP A 223 17.93 -13.00 -24.28
CA ASP A 223 18.11 -12.83 -25.71
C ASP A 223 16.98 -13.43 -26.54
N THR A 224 16.05 -14.16 -25.92
CA THR A 224 14.94 -14.77 -26.64
C THR A 224 13.61 -14.37 -26.01
N THR A 225 12.53 -14.97 -26.48
CA THR A 225 11.21 -14.76 -25.88
C THR A 225 10.77 -15.91 -24.99
N GLU A 226 11.46 -17.05 -25.04
CA GLU A 226 11.08 -18.20 -24.22
C GLU A 226 11.61 -18.09 -22.80
N GLU A 227 12.76 -17.44 -22.61
CA GLU A 227 13.29 -17.24 -21.27
C GLU A 227 12.53 -16.14 -20.51
N LYS A 228 12.02 -15.15 -21.23
CA LYS A 228 11.18 -14.13 -20.60
C LYS A 228 9.89 -14.75 -20.06
N ARG A 229 9.34 -15.72 -20.79
CA ARG A 229 8.08 -16.34 -20.36
C ARG A 229 8.27 -17.14 -19.08
N ARG A 230 9.42 -17.83 -18.95
CA ARG A 230 9.72 -18.53 -17.71
C ARG A 230 9.81 -17.56 -16.54
N LEU A 231 10.32 -16.34 -16.78
CA LEU A 231 10.39 -15.33 -15.73
C LEU A 231 9.01 -14.91 -15.25
N VAL A 232 8.00 -15.02 -16.11
CA VAL A 232 6.65 -14.60 -15.71
C VAL A 232 6.06 -15.58 -14.71
N ARG A 233 6.30 -16.88 -14.92
CA ARG A 233 5.71 -17.89 -14.03
C ARG A 233 6.33 -17.84 -12.64
N LEU A 234 7.66 -17.70 -12.57
CA LEU A 234 8.33 -17.60 -11.28
C LEU A 234 8.01 -16.29 -10.57
N ASN A 235 7.53 -15.29 -11.31
CA ASN A 235 7.20 -14.00 -10.70
C ASN A 235 5.83 -14.02 -10.03
N ARG A 236 4.87 -14.74 -10.61
CA ARG A 236 3.52 -14.76 -10.07
C ARG A 236 3.49 -15.36 -8.67
N VAL A 237 4.26 -16.44 -8.45
CA VAL A 237 4.30 -17.08 -7.13
C VAL A 237 4.84 -16.10 -6.10
N ASP A 238 5.81 -15.27 -6.50
CA ASP A 238 6.36 -14.29 -5.56
C ASP A 238 5.34 -13.23 -5.21
N VAL A 239 4.53 -12.80 -6.18
CA VAL A 239 3.55 -11.75 -5.91
C VAL A 239 2.42 -12.29 -5.05
N ILE A 240 1.93 -13.49 -5.34
CA ILE A 240 0.83 -14.06 -4.58
C ILE A 240 1.24 -14.30 -3.13
N ALA A 241 2.45 -14.82 -2.92
CA ALA A 241 2.94 -15.04 -1.57
C ALA A 241 3.15 -13.72 -0.83
N ALA A 242 3.70 -12.72 -1.51
CA ALA A 242 3.96 -11.44 -0.87
C ALA A 242 2.67 -10.69 -0.60
N MET A 243 1.79 -10.61 -1.61
CA MET A 243 0.51 -9.93 -1.41
C MET A 243 -0.41 -10.72 -0.49
N GLY A 244 -0.28 -12.04 -0.47
CA GLY A 244 -1.11 -12.85 0.41
C GLY A 244 -0.82 -12.60 1.88
N LEU A 245 0.47 -12.48 2.23
CA LEU A 245 0.83 -12.21 3.62
C LEU A 245 0.30 -10.86 4.09
N ALA A 246 0.22 -9.89 3.18
CA ALA A 246 -0.33 -8.58 3.55
C ALA A 246 -1.80 -8.68 3.94
N GLY A 247 -2.54 -9.63 3.35
CA GLY A 247 -3.95 -9.75 3.67
C GLY A 247 -4.19 -10.31 5.06
N LEU A 248 -3.47 -11.37 5.42
CA LEU A 248 -3.63 -11.97 6.74
C LEU A 248 -3.27 -11.00 7.85
N ILE A 249 -2.32 -10.10 7.60
CA ILE A 249 -1.95 -9.11 8.60
C ILE A 249 -3.07 -8.10 8.79
N ASN A 250 -3.69 -7.66 7.68
CA ASN A 250 -4.79 -6.71 7.78
C ASN A 250 -5.98 -7.30 8.53
N MET A 251 -6.20 -8.61 8.42
CA MET A 251 -7.30 -9.24 9.14
C MET A 251 -6.98 -9.41 10.63
N SER A 252 -5.70 -9.51 10.98
CA SER A 252 -5.33 -9.60 12.39
C SER A 252 -5.64 -8.30 13.12
N MET A 253 -5.42 -7.16 12.45
CA MET A 253 -5.76 -5.88 13.06
C MET A 253 -7.25 -5.79 13.36
N LEU A 254 -8.08 -6.34 12.47
CA LEU A 254 -9.52 -6.34 12.69
C LEU A 254 -9.89 -7.21 13.89
N ALA A 255 -9.35 -8.43 13.92
CA ALA A 255 -9.77 -9.39 14.95
C ALA A 255 -9.35 -8.95 16.34
N VAL A 256 -8.12 -8.45 16.50
CA VAL A 256 -7.66 -7.99 17.80
C VAL A 256 -8.53 -6.85 18.31
N ALA A 257 -8.86 -5.90 17.42
CA ALA A 257 -9.69 -4.77 17.81
C ALA A 257 -11.11 -5.21 18.17
N ALA A 258 -11.62 -6.26 17.51
CA ALA A 258 -12.97 -6.73 17.81
C ALA A 258 -13.00 -7.57 19.08
N ALA A 259 -12.00 -8.42 19.29
CA ALA A 259 -11.95 -9.28 20.46
C ALA A 259 -11.73 -8.51 21.76
N THR A 260 -11.37 -7.23 21.68
CA THR A 260 -11.04 -6.45 22.86
C THR A 260 -11.91 -5.21 23.04
N PHE A 261 -12.33 -4.55 21.97
CA PHE A 261 -12.98 -3.26 22.07
C PHE A 261 -14.47 -3.26 21.78
N HIS A 262 -14.98 -4.26 21.07
CA HIS A 262 -16.35 -4.20 20.56
C HIS A 262 -17.37 -4.27 21.69
N GLY A 263 -17.30 -5.32 22.52
CA GLY A 263 -18.28 -5.49 23.57
C GLY A 263 -18.12 -4.54 24.74
N LYS A 264 -17.04 -3.75 24.77
CA LYS A 264 -16.73 -2.89 25.91
C LYS A 264 -17.15 -1.44 25.68
N ASN A 265 -17.82 -1.16 24.56
CA ASN A 265 -18.27 0.20 24.22
C ASN A 265 -17.10 1.18 24.21
N VAL A 266 -16.32 1.17 23.13
CA VAL A 266 -15.15 2.04 22.98
C VAL A 266 -15.42 2.99 21.83
N GLU A 267 -15.22 4.29 22.07
CA GLU A 267 -15.41 5.32 21.07
C GLU A 267 -14.06 5.81 20.56
N ASN A 268 -14.09 6.35 19.34
CA ASN A 268 -12.91 6.87 18.66
C ASN A 268 -11.85 5.78 18.51
N ALA A 269 -12.16 4.83 17.61
CA ALA A 269 -11.31 3.66 17.41
C ALA A 269 -10.31 3.85 16.28
N GLY A 270 -10.64 4.66 15.28
CA GLY A 270 -9.73 4.86 14.16
C GLY A 270 -8.42 5.50 14.57
N ASP A 271 -8.45 6.33 15.61
CA ASP A 271 -7.24 6.94 16.13
C ASP A 271 -6.37 5.86 16.77
N LEU A 272 -5.13 5.74 16.28
CA LEU A 272 -4.23 4.71 16.79
C LEU A 272 -3.79 4.96 18.22
N THR A 273 -3.99 6.18 18.73
CA THR A 273 -3.63 6.47 20.12
C THR A 273 -4.62 5.87 21.10
N THR A 274 -5.93 6.01 20.82
CA THR A 274 -6.94 5.44 21.70
C THR A 274 -6.89 3.92 21.68
N ALA A 275 -6.65 3.33 20.51
CA ALA A 275 -6.52 1.88 20.42
C ALA A 275 -5.29 1.38 21.18
N TYR A 276 -4.25 2.21 21.28
CA TYR A 276 -3.05 1.80 21.99
C TYR A 276 -3.26 1.80 23.50
N GLN A 277 -4.04 2.77 24.01
CA GLN A 277 -4.21 2.91 25.44
C GLN A 277 -5.18 1.88 26.02
N THR A 278 -6.19 1.48 25.24
CA THR A 278 -7.18 0.52 25.72
C THR A 278 -6.68 -0.92 25.71
N LEU A 279 -5.55 -1.18 25.05
CA LEU A 279 -5.01 -2.54 25.03
C LEU A 279 -4.37 -2.94 26.35
N THR A 280 -3.94 -1.97 27.15
CA THR A 280 -3.25 -2.30 28.40
C THR A 280 -4.20 -2.86 29.46
N PRO A 281 -5.33 -2.22 29.79
CA PRO A 281 -6.21 -2.79 30.83
C PRO A 281 -6.93 -4.04 30.39
N LEU A 282 -7.04 -4.30 29.09
CA LEU A 282 -7.77 -5.45 28.57
C LEU A 282 -6.85 -6.64 28.30
N LEU A 283 -5.82 -6.44 27.48
CA LEU A 283 -4.87 -7.51 27.16
C LEU A 283 -3.63 -7.47 28.04
N GLY A 284 -3.01 -6.31 28.18
CA GLY A 284 -1.80 -6.18 28.96
C GLY A 284 -0.82 -5.22 28.33
N PRO A 285 0.20 -4.82 29.10
CA PRO A 285 1.19 -3.87 28.54
C PRO A 285 2.00 -4.45 27.39
N ALA A 286 2.18 -5.77 27.35
CA ALA A 286 2.96 -6.37 26.27
C ALA A 286 2.21 -6.34 24.95
N ALA A 287 0.87 -6.44 24.99
CA ALA A 287 0.09 -6.37 23.75
C ALA A 287 0.22 -5.02 23.08
N SER A 288 0.38 -3.95 23.87
CA SER A 288 0.52 -2.62 23.29
C SER A 288 1.86 -2.43 22.62
N VAL A 289 2.92 -3.03 23.16
CA VAL A 289 4.26 -2.85 22.60
C VAL A 289 4.34 -3.48 21.20
N LEU A 290 3.86 -4.72 21.06
CA LEU A 290 3.88 -5.37 19.77
C LEU A 290 3.09 -4.59 18.73
N PHE A 291 2.02 -3.89 19.15
CA PHE A 291 1.24 -3.09 18.23
C PHE A 291 2.06 -1.91 17.69
N ALA A 292 2.73 -1.18 18.58
CA ALA A 292 3.48 -0.01 18.15
C ALA A 292 4.72 -0.41 17.36
N VAL A 293 5.40 -1.48 17.78
CA VAL A 293 6.58 -1.96 17.05
C VAL A 293 6.20 -2.36 15.64
N ALA A 294 5.04 -3.01 15.49
CA ALA A 294 4.57 -3.40 14.16
C ALA A 294 4.19 -2.17 13.32
N LEU A 295 3.62 -1.15 13.96
CA LEU A 295 3.27 0.07 13.24
C LEU A 295 4.51 0.81 12.77
N LEU A 296 5.62 0.69 13.50
CA LEU A 296 6.85 1.39 13.10
C LEU A 296 7.46 0.78 11.85
N ALA A 297 7.52 -0.55 11.78
CA ALA A 297 8.10 -1.20 10.61
C ALA A 297 7.26 -0.99 9.37
N SER A 298 5.95 -0.82 9.52
CA SER A 298 5.10 -0.58 8.37
C SER A 298 5.35 0.80 7.75
N GLY A 299 5.49 1.82 8.59
CA GLY A 299 5.61 3.18 8.11
C GLY A 299 6.87 3.48 7.33
N LEU A 300 8.04 3.23 7.93
CA LEU A 300 9.29 3.63 7.29
C LEU A 300 9.62 2.73 6.08
N SER A 301 9.10 1.50 6.05
CA SER A 301 9.34 0.64 4.90
C SER A 301 8.53 1.10 3.71
N SER A 302 7.23 1.37 3.92
CA SER A 302 6.37 1.84 2.84
C SER A 302 6.75 3.24 2.39
N SER A 303 7.40 4.03 3.25
CA SER A 303 7.82 5.37 2.86
C SER A 303 9.05 5.33 1.96
N ALA A 304 10.01 4.45 2.27
CA ALA A 304 11.20 4.32 1.44
C ALA A 304 10.87 3.75 0.07
N VAL A 305 9.86 2.88 0.00
CA VAL A 305 9.43 2.38 -1.30
C VAL A 305 8.75 3.47 -2.11
N GLY A 306 8.01 4.36 -1.43
CA GLY A 306 7.34 5.45 -2.12
C GLY A 306 8.30 6.41 -2.79
N THR A 307 9.51 6.58 -2.22
CA THR A 307 10.50 7.44 -2.85
C THR A 307 11.10 6.78 -4.08
N MET A 308 11.42 5.49 -4.00
CA MET A 308 11.97 4.79 -5.15
C MET A 308 11.00 4.76 -6.31
N ALA A 309 9.69 4.71 -6.02
CA ALA A 309 8.69 4.77 -7.09
C ALA A 309 8.73 6.12 -7.80
N GLY A 310 8.86 7.21 -7.03
CA GLY A 310 8.88 8.53 -7.64
C GLY A 310 10.05 8.73 -8.59
N ASP A 311 11.22 8.22 -8.22
CA ASP A 311 12.40 8.35 -9.08
C ASP A 311 12.19 7.63 -10.41
N VAL A 312 11.51 6.50 -10.38
CA VAL A 312 11.23 5.76 -11.61
C VAL A 312 10.21 6.51 -12.46
N ILE A 313 9.23 7.15 -11.82
CA ILE A 313 8.18 7.87 -12.53
C ILE A 313 8.79 8.98 -13.39
N MET A 314 9.60 9.83 -12.77
CA MET A 314 10.18 10.96 -13.49
C MET A 314 11.18 10.48 -14.55
N GLN A 315 12.02 9.50 -14.21
CA GLN A 315 13.04 9.02 -15.15
C GLN A 315 12.41 8.42 -16.40
N GLY A 316 11.26 7.76 -16.25
CA GLY A 316 10.60 7.15 -17.39
C GLY A 316 9.75 8.11 -18.19
N PHE A 317 9.05 9.02 -17.50
CA PHE A 317 8.18 9.98 -18.18
C PHE A 317 8.96 11.08 -18.89
N MET A 318 10.09 11.52 -18.34
CA MET A 318 10.78 12.68 -18.86
C MET A 318 12.19 12.39 -19.38
N GLY A 319 12.83 11.30 -18.97
CA GLY A 319 14.15 10.96 -19.41
C GLY A 319 15.26 11.36 -18.46
N PHE A 320 15.04 12.41 -17.66
CA PHE A 320 15.99 12.88 -16.68
C PHE A 320 15.49 12.55 -15.27
N HIS A 321 16.40 12.66 -14.30
CA HIS A 321 16.05 12.35 -12.92
C HIS A 321 16.85 13.25 -11.99
N ILE A 322 16.27 13.52 -10.83
CA ILE A 322 16.93 14.31 -9.78
C ILE A 322 17.54 13.35 -8.78
N PRO A 323 18.50 13.77 -7.95
CA PRO A 323 19.07 12.86 -6.95
C PRO A 323 18.01 12.40 -5.95
N LEU A 324 18.29 11.26 -5.32
CA LEU A 324 17.32 10.66 -4.40
C LEU A 324 17.12 11.52 -3.17
N TRP A 325 18.19 12.12 -2.65
CA TRP A 325 18.07 12.95 -1.45
C TRP A 325 17.15 14.14 -1.70
N LEU A 326 17.19 14.69 -2.92
CA LEU A 326 16.28 15.79 -3.24
C LEU A 326 14.84 15.30 -3.30
N ARG A 327 14.63 14.07 -3.78
CA ARG A 327 13.27 13.53 -3.85
C ARG A 327 12.73 13.22 -2.45
N ARG A 328 13.57 12.67 -1.57
CA ARG A 328 13.14 12.42 -0.20
C ARG A 328 12.78 13.73 0.50
N LEU A 329 13.54 14.80 0.22
CA LEU A 329 13.30 16.06 0.89
C LEU A 329 11.96 16.67 0.49
N ILE A 330 11.61 16.58 -0.80
CA ILE A 330 10.38 17.21 -1.27
C ILE A 330 9.15 16.50 -0.71
N THR A 331 9.18 15.16 -0.69
CA THR A 331 8.01 14.40 -0.26
C THR A 331 7.79 14.50 1.24
N MET A 332 8.83 14.84 2.03
CA MET A 332 8.64 15.05 3.46
C MET A 332 7.92 16.35 3.78
N LEU A 333 7.89 17.29 2.83
CA LEU A 333 7.34 18.62 3.12
C LEU A 333 5.90 18.59 3.56
N PRO A 334 4.97 17.87 2.90
CA PRO A 334 3.59 17.84 3.42
C PRO A 334 3.48 17.18 4.79
N ALA A 335 4.42 16.31 5.15
CA ALA A 335 4.35 15.63 6.45
C ALA A 335 4.60 16.60 7.58
N PHE A 336 5.68 17.37 7.51
CA PHE A 336 6.00 18.30 8.59
C PHE A 336 5.01 19.46 8.65
N ILE A 337 4.39 19.81 7.52
CA ILE A 337 3.41 20.89 7.53
C ILE A 337 2.20 20.53 8.38
N VAL A 338 1.72 19.29 8.24
CA VAL A 338 0.57 18.85 9.02
C VAL A 338 0.91 18.83 10.51
N ILE A 339 2.14 18.43 10.85
CA ILE A 339 2.55 18.39 12.24
C ILE A 339 2.60 19.79 12.84
N LEU A 340 3.09 20.76 12.06
CA LEU A 340 3.20 22.13 12.59
C LEU A 340 1.82 22.77 12.74
N LEU A 341 0.89 22.48 11.83
CA LEU A 341 -0.43 23.09 11.88
C LEU A 341 -1.36 22.39 12.86
N GLY A 342 -1.08 21.14 13.22
CA GLY A 342 -1.95 20.41 14.11
C GLY A 342 -3.28 20.06 13.46
N MET A 343 -3.23 19.48 12.26
CA MET A 343 -4.44 19.12 11.53
C MET A 343 -5.06 17.87 12.13
N ASP A 344 -6.37 17.74 11.94
CA ASP A 344 -7.08 16.59 12.47
C ASP A 344 -6.66 15.32 11.72
N PRO A 345 -6.43 14.22 12.42
CA PRO A 345 -6.07 12.97 11.73
C PRO A 345 -7.11 12.51 10.73
N SER A 346 -8.38 12.83 10.95
CA SER A 346 -9.43 12.47 10.00
C SER A 346 -9.48 13.44 8.82
N SER A 347 -9.04 14.67 9.02
CA SER A 347 -9.06 15.64 7.93
C SER A 347 -7.98 15.35 6.90
N VAL A 348 -6.82 14.87 7.35
CA VAL A 348 -5.73 14.56 6.42
C VAL A 348 -5.97 13.26 5.67
N LEU A 349 -6.76 12.34 6.24
CA LEU A 349 -7.09 11.11 5.53
C LEU A 349 -8.16 11.31 4.47
N ILE A 350 -8.89 12.42 4.52
CA ILE A 350 -9.89 12.70 3.50
C ILE A 350 -9.25 13.38 2.30
N LEU A 351 -8.34 14.34 2.53
CA LEU A 351 -7.69 15.04 1.43
C LEU A 351 -6.69 14.15 0.71
N SER A 352 -5.95 13.34 1.46
CA SER A 352 -4.96 12.46 0.83
C SER A 352 -5.63 11.39 -0.02
N GLN A 353 -6.82 10.93 0.39
CA GLN A 353 -7.52 9.92 -0.40
C GLN A 353 -8.21 10.52 -1.62
N VAL A 354 -8.56 11.80 -1.57
CA VAL A 354 -9.09 12.47 -2.76
C VAL A 354 -8.06 12.46 -3.88
N ILE A 355 -6.80 12.76 -3.54
CA ILE A 355 -5.73 12.67 -4.53
C ILE A 355 -5.50 11.22 -4.93
N LEU A 356 -5.57 10.30 -3.97
CA LEU A 356 -5.47 8.88 -4.30
C LEU A 356 -6.63 8.43 -5.17
N CYS A 357 -7.83 9.01 -4.96
CA CYS A 357 -8.95 8.71 -5.83
C CYS A 357 -8.77 9.31 -7.22
N PHE A 358 -7.90 10.31 -7.37
CA PHE A 358 -7.59 10.83 -8.69
C PHE A 358 -6.56 9.96 -9.40
N GLY A 359 -5.54 9.50 -8.68
CA GLY A 359 -4.46 8.74 -9.31
C GLY A 359 -4.81 7.32 -9.68
N VAL A 360 -5.82 6.73 -9.04
CA VAL A 360 -6.20 5.35 -9.32
C VAL A 360 -6.66 5.19 -10.76
N PRO A 361 -7.65 5.96 -11.25
CA PRO A 361 -8.08 5.76 -12.64
C PRO A 361 -6.99 6.05 -13.65
N PHE A 362 -6.23 7.13 -13.47
CA PHE A 362 -5.19 7.47 -14.43
C PHE A 362 -4.04 6.45 -14.44
N ALA A 363 -3.94 5.60 -13.43
CA ALA A 363 -2.90 4.58 -13.42
C ALA A 363 -3.39 3.25 -13.99
N LEU A 364 -4.62 2.86 -13.67
CA LEU A 364 -5.12 1.57 -14.14
C LEU A 364 -5.37 1.57 -15.64
N VAL A 365 -5.73 2.72 -16.22
CA VAL A 365 -6.03 2.76 -17.65
C VAL A 365 -4.81 2.42 -18.50
N PRO A 366 -3.65 3.08 -18.35
CA PRO A 366 -2.51 2.71 -19.19
C PRO A 366 -1.99 1.31 -18.91
N LEU A 367 -2.05 0.86 -17.66
CA LEU A 367 -1.61 -0.49 -17.33
C LEU A 367 -2.43 -1.54 -18.07
N LEU A 368 -3.75 -1.32 -18.16
CA LEU A 368 -4.61 -2.26 -18.85
C LEU A 368 -4.56 -2.14 -20.37
N LEU A 369 -4.08 -1.01 -20.89
CA LEU A 369 -3.93 -0.81 -22.32
C LEU A 369 -2.63 -1.41 -22.85
N PHE A 370 -1.49 -1.06 -22.25
CA PHE A 370 -0.21 -1.47 -22.80
C PHE A 370 0.04 -2.97 -22.58
N THR A 371 -0.41 -3.51 -21.44
CA THR A 371 -0.27 -4.95 -21.21
C THR A 371 -1.15 -5.77 -22.15
N ALA A 372 -1.97 -5.13 -22.99
CA ALA A 372 -2.84 -5.82 -23.93
C ALA A 372 -2.46 -5.57 -25.38
N ARG A 373 -1.33 -4.91 -25.63
CA ARG A 373 -0.89 -4.57 -26.98
C ARG A 373 0.30 -5.43 -27.35
N ARG A 374 0.18 -6.18 -28.45
CA ARG A 374 1.31 -6.95 -28.97
C ARG A 374 2.45 -6.05 -29.40
N ASP A 375 2.16 -4.79 -29.73
CA ASP A 375 3.21 -3.84 -30.07
C ASP A 375 4.16 -3.61 -28.89
N VAL A 376 3.67 -3.81 -27.68
CA VAL A 376 4.47 -3.59 -26.47
C VAL A 376 4.94 -4.92 -25.90
N MET A 377 3.99 -5.82 -25.62
CA MET A 377 4.31 -7.07 -24.93
C MET A 377 4.95 -8.11 -25.84
N GLY A 378 4.81 -7.97 -27.15
CA GLY A 378 5.33 -9.00 -28.04
C GLY A 378 4.49 -10.25 -27.94
N ALA A 379 5.15 -11.39 -27.75
CA ALA A 379 4.47 -12.67 -27.62
C ALA A 379 4.04 -12.97 -26.18
N LEU A 380 4.09 -11.98 -25.30
CA LEU A 380 3.70 -12.14 -23.90
C LEU A 380 2.56 -11.19 -23.54
N VAL A 381 1.56 -11.10 -24.42
CA VAL A 381 0.42 -10.24 -24.16
C VAL A 381 -0.45 -10.86 -23.07
N THR A 382 -0.96 -10.01 -22.18
CA THR A 382 -1.85 -10.48 -21.12
C THR A 382 -3.13 -11.07 -21.73
N ARG A 383 -3.57 -12.20 -21.17
CA ARG A 383 -4.78 -12.84 -21.63
C ARG A 383 -5.97 -11.87 -21.55
N ARG A 384 -6.77 -11.84 -22.62
CA ARG A 384 -7.91 -10.94 -22.64
C ARG A 384 -8.93 -11.27 -21.56
N SER A 385 -9.00 -12.55 -21.17
CA SER A 385 -9.84 -12.92 -20.04
C SER A 385 -9.39 -12.25 -18.75
N PHE A 386 -8.08 -12.01 -18.62
CA PHE A 386 -7.57 -11.28 -17.46
C PHE A 386 -7.61 -9.77 -17.67
N THR A 387 -7.76 -9.31 -18.91
CA THR A 387 -7.88 -7.89 -19.17
C THR A 387 -9.26 -7.36 -18.81
N VAL A 388 -10.32 -8.13 -19.12
CA VAL A 388 -11.68 -7.68 -18.82
C VAL A 388 -11.91 -7.63 -17.31
N ILE A 389 -11.42 -8.63 -16.58
CA ILE A 389 -11.60 -8.61 -15.13
C ILE A 389 -10.81 -7.47 -14.52
N GLY A 390 -9.68 -7.10 -15.12
CA GLY A 390 -8.98 -5.91 -14.67
C GLY A 390 -9.80 -4.66 -14.89
N TRP A 391 -10.57 -4.61 -15.99
CA TRP A 391 -11.44 -3.46 -16.22
C TRP A 391 -12.66 -3.50 -15.32
N VAL A 392 -13.20 -4.70 -15.06
CA VAL A 392 -14.35 -4.81 -14.15
C VAL A 392 -13.94 -4.37 -12.75
N ILE A 393 -12.76 -4.81 -12.29
CA ILE A 393 -12.25 -4.34 -11.01
C ILE A 393 -11.99 -2.83 -11.05
N ALA A 394 -11.54 -2.34 -12.20
CA ALA A 394 -11.26 -0.91 -12.34
C ALA A 394 -12.53 -0.08 -12.23
N VAL A 395 -13.58 -0.48 -12.94
CA VAL A 395 -14.83 0.28 -12.91
C VAL A 395 -15.42 0.27 -11.50
N ILE A 396 -15.31 -0.85 -10.80
CA ILE A 396 -15.83 -0.92 -9.43
C ILE A 396 -15.10 0.07 -8.53
N ILE A 397 -13.77 0.10 -8.63
CA ILE A 397 -12.98 0.99 -7.78
C ILE A 397 -13.23 2.45 -8.16
N ILE A 398 -13.24 2.74 -9.46
CA ILE A 398 -13.44 4.11 -9.93
C ILE A 398 -14.81 4.63 -9.52
N ALA A 399 -15.84 3.78 -9.63
CA ALA A 399 -17.18 4.20 -9.25
C ALA A 399 -17.27 4.48 -7.76
N LEU A 400 -16.68 3.60 -6.93
CA LEU A 400 -16.66 3.83 -5.50
C LEU A 400 -15.85 5.08 -5.15
N ASN A 401 -14.74 5.30 -5.85
CA ASN A 401 -13.98 6.54 -5.65
C ASN A 401 -14.78 7.75 -6.08
N GLY A 402 -15.46 7.66 -7.23
CA GLY A 402 -16.33 8.75 -7.66
C GLY A 402 -17.43 9.02 -6.66
N TYR A 403 -18.01 7.97 -6.09
CA TYR A 403 -18.99 8.16 -5.03
C TYR A 403 -18.36 8.77 -3.79
N LEU A 404 -17.19 8.27 -3.39
CA LEU A 404 -16.49 8.85 -2.24
C LEU A 404 -16.14 10.31 -2.49
N LEU A 405 -15.85 10.67 -3.74
CA LEU A 405 -15.60 12.07 -4.06
C LEU A 405 -16.90 12.88 -4.01
N TRP A 406 -18.04 12.26 -4.30
CA TRP A 406 -19.30 12.99 -4.28
C TRP A 406 -19.63 13.48 -2.87
N GLU A 407 -19.30 12.69 -1.84
CA GLU A 407 -19.51 13.12 -0.46
C GLU A 407 -18.32 13.90 0.09
N LEU A 408 -17.11 13.60 -0.37
CA LEU A 408 -15.94 14.33 0.12
C LEU A 408 -15.87 15.73 -0.49
N LEU A 409 -16.27 15.88 -1.75
CA LEU A 409 -16.33 17.19 -2.39
C LEU A 409 -17.69 17.86 -2.21
N GLY A 410 -18.69 17.15 -1.68
CA GLY A 410 -20.00 17.73 -1.48
C GLY A 410 -20.21 18.28 -0.09
N GLY A 411 -19.46 17.75 0.88
CA GLY A 411 -19.57 18.19 2.25
C GLY A 411 -20.68 17.51 3.03
#